data_4YI0
#
_entry.id   4YI0
#
_cell.length_a   78.337
_cell.length_b   89.753
_cell.length_c   97.868
_cell.angle_alpha   90.00
_cell.angle_beta   90.00
_cell.angle_gamma   90.00
#
_symmetry.space_group_name_H-M   'P 21 21 21'
#
loop_
_entity.id
_entity.type
_entity.pdbx_description
1 polymer 'Importin subunit alpha-1'
2 polymer 'Nuclear envelope pore membrane protein POM 121'
3 water water
#
loop_
_entity_poly.entity_id
_entity_poly.type
_entity_poly.pdbx_seq_one_letter_code
_entity_poly.pdbx_strand_id
1 'polypeptide(L)'
;NQGTVNWSVEDIVKGINSNNLESQLQATQAARKLLSREKQPPIDNIIRAGLIPKFVSFLGKTDCSPIQFESAWALTNIAS
GTSEQTKAVVDGGAIPAFISLLASPHAHISEQAVWALGNIAGDGSAFRDLVIKHGAIDPLLALLAVPDLSTLACGYLRNL
TWTLSNLCRNKNPAPPLDAVEQILPTLVRLLHHNDPEVLADSCWAISYLTDGPNERIEMVVKKGVVPQLVKLLGATELPI
VTPALRAIGNIVTGTDEQTQKVIDAGALAVFPSLLTNPKTNIQKEATWTMSNITAGRQDQIQQVVNHGLVPFLVGVLSKA
DFKTQKEAAWAITNYTSGGTVEQIVYLVHCGIIEPLMNLLSAKDTKIIQVILDAISNIFQAAEKLGETEKLSIMIEECGG
LDKIEALQRHENESVYKASLNLIEKYFSVEEEEDQNVVPETTSEGFAFQVQDGAPGTFNF
;
C
2 'polypeptide(L)' LKEKKKRTVAEEDQLHLDGQENKRRRHDSS A
#
# COMPACT_ATOMS: atom_id res chain seq x y z
N THR A 4 -17.29 23.71 26.85
CA THR A 4 -16.22 23.66 27.84
C THR A 4 -15.98 22.24 28.39
N VAL A 5 -15.27 22.15 29.51
CA VAL A 5 -14.57 20.91 29.85
C VAL A 5 -15.33 19.92 30.73
N ASN A 6 -15.25 18.66 30.32
CA ASN A 6 -15.79 17.51 31.04
C ASN A 6 -17.24 17.63 31.45
N TRP A 7 -18.10 18.01 30.51
CA TRP A 7 -19.55 17.90 30.73
C TRP A 7 -19.93 16.44 30.74
N SER A 8 -20.95 16.12 31.53
CA SER A 8 -21.62 14.84 31.38
C SER A 8 -22.39 14.84 30.07
N VAL A 9 -22.63 13.65 29.53
CA VAL A 9 -23.45 13.50 28.35
C VAL A 9 -24.86 14.02 28.63
N GLU A 10 -25.31 13.83 29.88
CA GLU A 10 -26.60 14.32 30.32
C GLU A 10 -26.75 15.84 30.13
N ASP A 11 -25.72 16.58 30.53
CA ASP A 11 -25.73 18.04 30.39
C ASP A 11 -25.60 18.49 28.94
N ILE A 12 -24.87 17.73 28.14
CA ILE A 12 -24.78 18.02 26.71
C ILE A 12 -26.16 17.90 26.08
N VAL A 13 -26.86 16.81 26.41
CA VAL A 13 -28.19 16.59 25.86
C VAL A 13 -29.14 17.72 26.27
N LYS A 14 -29.09 18.13 27.54
CA LYS A 14 -29.91 19.25 28.00
C LYS A 14 -29.64 20.53 27.21
N GLY A 15 -28.37 20.83 26.98
CA GLY A 15 -28.00 22.02 26.21
C GLY A 15 -28.43 21.94 24.76
N ILE A 16 -28.25 20.78 24.15
CA ILE A 16 -28.59 20.62 22.74
C ILE A 16 -30.12 20.62 22.56
N ASN A 17 -30.85 20.19 23.59
CA ASN A 17 -32.32 20.21 23.55
C ASN A 17 -32.94 21.57 23.91
N SER A 18 -32.13 22.52 24.35
CA SER A 18 -32.64 23.86 24.63
C SER A 18 -33.06 24.46 23.29
N ASN A 19 -33.91 25.47 23.32
CA ASN A 19 -34.27 26.09 22.04
C ASN A 19 -33.45 27.35 21.82
N ASN A 20 -32.18 27.27 22.19
CA ASN A 20 -31.30 28.44 22.26
C ASN A 20 -30.00 28.08 21.54
N LEU A 21 -29.76 28.73 20.42
CA LEU A 21 -28.66 28.34 19.54
C LEU A 21 -27.31 28.52 20.22
N GLU A 22 -27.19 29.53 21.07
CA GLU A 22 -25.95 29.74 21.80
C GLU A 22 -25.75 28.70 22.88
N SER A 23 -26.82 28.32 23.57
CA SER A 23 -26.76 27.17 24.47
C SER A 23 -26.38 25.89 23.71
N GLN A 24 -26.98 25.71 22.53
CA GLN A 24 -26.67 24.55 21.68
C GLN A 24 -25.20 24.54 21.24
N LEU A 25 -24.66 25.70 20.91
CA LEU A 25 -23.23 25.81 20.58
C LEU A 25 -22.32 25.40 21.75
N GLN A 26 -22.62 25.89 22.95
CA GLN A 26 -21.78 25.56 24.10
C GLN A 26 -21.80 24.05 24.36
N ALA A 27 -22.99 23.47 24.23
CA ALA A 27 -23.14 22.04 24.44
C ALA A 27 -22.43 21.21 23.37
N THR A 28 -22.43 21.69 22.14
CA THR A 28 -21.78 20.99 21.04
C THR A 28 -20.25 21.02 21.19
N GLN A 29 -19.72 22.18 21.58
CA GLN A 29 -18.31 22.32 21.89
C GLN A 29 -17.91 21.35 23.03
N ALA A 30 -18.77 21.22 24.04
CA ALA A 30 -18.52 20.30 25.16
C ALA A 30 -18.47 18.84 24.67
N ALA A 31 -19.39 18.48 23.76
CA ALA A 31 -19.35 17.16 23.13
C ALA A 31 -18.06 16.96 22.33
N ARG A 32 -17.68 17.97 21.58
CA ARG A 32 -16.45 17.91 20.81
C ARG A 32 -15.23 17.64 21.70
N LYS A 33 -15.16 18.32 22.84
CA LYS A 33 -14.03 18.16 23.75
C LYS A 33 -14.01 16.75 24.34
N LEU A 34 -15.17 16.21 24.73
CA LEU A 34 -15.25 14.81 25.16
C LEU A 34 -14.69 13.87 24.08
N LEU A 35 -15.07 14.12 22.84
CA LEU A 35 -14.71 13.24 21.73
C LEU A 35 -13.27 13.44 21.25
N SER A 36 -12.60 14.44 21.80
CA SER A 36 -11.26 14.80 21.34
C SER A 36 -10.21 14.52 22.41
N ARG A 37 -10.64 13.98 23.55
CA ARG A 37 -9.71 13.72 24.66
C ARG A 37 -8.79 12.56 24.29
N GLU A 38 -7.70 12.40 25.03
CA GLU A 38 -6.68 11.42 24.67
C GLU A 38 -7.16 9.96 24.77
N LYS A 39 -7.88 9.65 25.85
CA LYS A 39 -8.21 8.26 26.15
C LYS A 39 -9.70 7.96 26.09
N GLN A 40 -10.06 6.95 25.31
CA GLN A 40 -11.41 6.38 25.28
C GLN A 40 -12.53 7.40 25.14
N PRO A 41 -12.57 8.09 23.99
CA PRO A 41 -13.71 9.00 23.79
C PRO A 41 -15.04 8.23 23.84
N PRO A 42 -16.05 8.78 24.51
CA PRO A 42 -17.33 8.11 24.70
C PRO A 42 -18.22 8.22 23.46
N ILE A 43 -17.74 7.68 22.35
CA ILE A 43 -18.45 7.69 21.09
C ILE A 43 -19.82 6.99 21.18
N ASP A 44 -19.83 5.78 21.72
CA ASP A 44 -21.09 5.02 21.82
C ASP A 44 -22.11 5.72 22.72
N ASN A 45 -21.65 6.29 23.83
CA ASN A 45 -22.53 7.06 24.71
C ASN A 45 -23.16 8.26 23.99
N ILE A 46 -22.38 8.95 23.17
CA ILE A 46 -22.88 10.10 22.40
C ILE A 46 -23.88 9.64 21.33
N ILE A 47 -23.57 8.52 20.68
CA ILE A 47 -24.50 7.96 19.70
C ILE A 47 -25.80 7.56 20.38
N ARG A 48 -25.72 6.88 21.51
CA ARG A 48 -26.91 6.37 22.19
C ARG A 48 -27.79 7.50 22.72
N ALA A 49 -27.17 8.64 22.99
CA ALA A 49 -27.90 9.83 23.44
C ALA A 49 -28.75 10.48 22.33
N GLY A 50 -28.60 10.01 21.09
CA GLY A 50 -29.38 10.52 19.98
C GLY A 50 -28.91 11.86 19.41
N LEU A 51 -27.62 12.17 19.59
CA LEU A 51 -27.12 13.50 19.28
C LEU A 51 -26.74 13.72 17.80
N ILE A 52 -26.59 12.64 17.03
CA ILE A 52 -26.11 12.80 15.65
C ILE A 52 -27.07 13.63 14.76
N PRO A 53 -28.39 13.38 14.81
CA PRO A 53 -29.24 14.23 13.95
C PRO A 53 -29.15 15.74 14.27
N LYS A 54 -29.03 16.10 15.54
CA LYS A 54 -28.88 17.50 15.89
C LYS A 54 -27.55 18.06 15.36
N PHE A 55 -26.46 17.31 15.55
CA PHE A 55 -25.15 17.70 14.98
C PHE A 55 -25.26 17.93 13.47
N VAL A 56 -25.93 17.02 12.76
CA VAL A 56 -26.04 17.16 11.30
C VAL A 56 -26.85 18.41 10.94
N SER A 57 -27.92 18.65 11.70
CA SER A 57 -28.70 19.87 11.53
C SER A 57 -27.84 21.14 11.72
N PHE A 58 -26.92 21.10 12.68
CA PHE A 58 -26.06 22.25 12.94
C PHE A 58 -25.07 22.55 11.79
N LEU A 59 -24.78 21.53 10.97
CA LEU A 59 -23.86 21.73 9.84
C LEU A 59 -24.40 22.77 8.86
N GLY A 60 -25.72 22.93 8.85
CA GLY A 60 -26.35 23.88 7.95
C GLY A 60 -26.62 25.26 8.55
N LYS A 61 -26.16 25.52 9.77
CA LYS A 61 -26.44 26.82 10.40
C LYS A 61 -25.48 27.91 9.91
N THR A 62 -25.74 28.46 8.73
CA THR A 62 -24.82 29.37 8.08
C THR A 62 -24.51 30.64 8.90
N ASP A 63 -25.49 31.09 9.68
CA ASP A 63 -25.32 32.31 10.46
C ASP A 63 -24.63 32.07 11.80
N CYS A 64 -24.35 30.82 12.12
CA CYS A 64 -23.56 30.50 13.30
C CYS A 64 -22.41 29.57 12.91
N SER A 65 -21.41 30.13 12.22
CA SER A 65 -20.28 29.33 11.77
C SER A 65 -19.56 28.58 12.91
N PRO A 66 -19.50 29.15 14.14
CA PRO A 66 -18.90 28.31 15.18
C PRO A 66 -19.62 26.97 15.42
N ILE A 67 -20.95 26.90 15.30
CA ILE A 67 -21.59 25.63 15.60
C ILE A 67 -21.43 24.65 14.43
N GLN A 68 -21.28 25.20 13.22
CA GLN A 68 -20.91 24.40 12.04
C GLN A 68 -19.55 23.73 12.28
N PHE A 69 -18.58 24.52 12.75
CA PHE A 69 -17.25 23.99 13.02
C PHE A 69 -17.28 22.94 14.12
N GLU A 70 -17.91 23.27 15.25
CA GLU A 70 -17.96 22.36 16.39
C GLU A 70 -18.67 21.04 16.06
N SER A 71 -19.79 21.12 15.35
CA SER A 71 -20.50 19.87 15.01
C SER A 71 -19.72 19.06 13.94
N ALA A 72 -19.05 19.75 13.02
CA ALA A 72 -18.21 19.05 12.02
C ALA A 72 -17.11 18.24 12.69
N TRP A 73 -16.50 18.83 13.71
CA TRP A 73 -15.42 18.18 14.45
C TRP A 73 -15.98 17.00 15.25
N ALA A 74 -17.08 17.24 15.97
CA ALA A 74 -17.71 16.18 16.74
C ALA A 74 -18.03 14.98 15.82
N LEU A 75 -18.64 15.27 14.67
CA LEU A 75 -19.04 14.18 13.75
C LEU A 75 -17.83 13.51 13.09
N THR A 76 -16.78 14.28 12.83
CA THR A 76 -15.53 13.72 12.31
C THR A 76 -15.03 12.64 13.26
N ASN A 77 -15.04 12.96 14.54
CA ASN A 77 -14.51 12.04 15.54
C ASN A 77 -15.41 10.84 15.78
N ILE A 78 -16.73 10.99 15.66
CA ILE A 78 -17.59 9.82 15.74
C ILE A 78 -17.29 8.90 14.55
N ALA A 79 -17.14 9.51 13.37
CA ALA A 79 -16.89 8.73 12.14
C ALA A 79 -15.48 8.14 12.06
N SER A 80 -14.60 8.50 13.00
CA SER A 80 -13.23 7.96 13.03
C SER A 80 -13.19 6.58 13.67
N GLY A 81 -14.33 6.17 14.23
CA GLY A 81 -14.42 4.94 15.00
C GLY A 81 -14.65 3.70 14.15
N THR A 82 -15.37 2.72 14.70
CA THR A 82 -15.71 1.48 14.00
C THR A 82 -16.65 1.73 12.81
N SER A 83 -16.84 0.70 11.96
CA SER A 83 -17.78 0.80 10.85
C SER A 83 -19.17 1.16 11.36
N GLU A 84 -19.56 0.59 12.50
CA GLU A 84 -20.88 0.86 13.06
C GLU A 84 -21.00 2.33 13.46
N GLN A 85 -19.92 2.90 13.98
CA GLN A 85 -19.95 4.30 14.39
C GLN A 85 -19.91 5.21 13.16
N THR A 86 -19.14 4.86 12.14
CA THR A 86 -19.15 5.63 10.90
C THR A 86 -20.53 5.58 10.24
N LYS A 87 -21.13 4.40 10.24
CA LYS A 87 -22.47 4.23 9.66
C LYS A 87 -23.51 5.12 10.34
N ALA A 88 -23.39 5.33 11.65
CA ALA A 88 -24.34 6.16 12.38
C ALA A 88 -24.33 7.58 11.83
N VAL A 89 -23.13 8.05 11.49
CA VAL A 89 -22.93 9.41 10.97
C VAL A 89 -23.53 9.52 9.56
N VAL A 90 -23.25 8.53 8.72
CA VAL A 90 -23.83 8.47 7.38
C VAL A 90 -25.36 8.36 7.48
N ASP A 91 -25.84 7.54 8.42
CA ASP A 91 -27.29 7.33 8.54
C ASP A 91 -28.05 8.59 8.95
N GLY A 92 -27.35 9.51 9.58
CA GLY A 92 -27.93 10.79 9.97
C GLY A 92 -27.97 11.84 8.87
N GLY A 93 -27.51 11.50 7.67
CA GLY A 93 -27.56 12.41 6.54
C GLY A 93 -26.36 13.33 6.41
N ALA A 94 -25.26 12.94 7.02
CA ALA A 94 -24.08 13.79 7.10
C ALA A 94 -23.35 14.00 5.77
N ILE A 95 -23.44 13.04 4.84
CA ILE A 95 -22.63 13.15 3.61
C ILE A 95 -23.01 14.40 2.77
N PRO A 96 -24.30 14.61 2.44
CA PRO A 96 -24.51 15.84 1.66
C PRO A 96 -24.28 17.14 2.46
N ALA A 97 -24.49 17.10 3.77
CA ALA A 97 -24.25 18.28 4.59
C ALA A 97 -22.76 18.66 4.60
N PHE A 98 -21.89 17.66 4.70
CA PHE A 98 -20.44 17.92 4.66
C PHE A 98 -20.01 18.41 3.26
N ILE A 99 -20.56 17.82 2.22
CA ILE A 99 -20.23 18.27 0.86
C ILE A 99 -20.64 19.73 0.67
N SER A 100 -21.76 20.14 1.25
CA SER A 100 -22.16 21.54 1.15
C SER A 100 -21.16 22.47 1.86
N LEU A 101 -20.49 21.96 2.89
CA LEU A 101 -19.55 22.78 3.65
C LEU A 101 -18.18 22.94 2.97
N LEU A 102 -17.94 22.17 1.91
CA LEU A 102 -16.66 22.28 1.20
C LEU A 102 -16.47 23.67 0.59
N ALA A 103 -17.58 24.32 0.27
CA ALA A 103 -17.54 25.66 -0.33
C ALA A 103 -17.67 26.78 0.71
N SER A 104 -17.51 26.43 1.98
CA SER A 104 -17.57 27.42 3.07
C SER A 104 -16.52 28.52 2.89
N PRO A 105 -16.90 29.78 3.15
CA PRO A 105 -15.90 30.85 3.09
C PRO A 105 -14.94 30.79 4.27
N HIS A 106 -15.24 29.96 5.26
CA HIS A 106 -14.34 29.77 6.40
C HIS A 106 -13.46 28.55 6.14
N ALA A 107 -12.15 28.78 6.02
CA ALA A 107 -11.23 27.71 5.65
C ALA A 107 -11.22 26.57 6.68
N HIS A 108 -11.28 26.91 7.97
CA HIS A 108 -11.22 25.85 8.99
C HIS A 108 -12.46 24.94 8.97
N ILE A 109 -13.57 25.47 8.49
CA ILE A 109 -14.81 24.69 8.37
C ILE A 109 -14.78 23.79 7.14
N SER A 110 -14.33 24.35 6.02
CA SER A 110 -14.11 23.56 4.82
C SER A 110 -13.13 22.41 5.08
N GLU A 111 -12.02 22.71 5.77
CA GLU A 111 -11.04 21.68 6.10
C GLU A 111 -11.62 20.56 6.97
N GLN A 112 -12.44 20.94 7.97
CA GLN A 112 -13.04 19.93 8.83
C GLN A 112 -13.99 19.04 8.04
N ALA A 113 -14.71 19.61 7.07
CA ALA A 113 -15.58 18.81 6.23
C ALA A 113 -14.79 17.86 5.33
N VAL A 114 -13.64 18.31 4.82
CA VAL A 114 -12.73 17.43 4.08
C VAL A 114 -12.34 16.21 4.91
N TRP A 115 -11.90 16.47 6.14
CA TRP A 115 -11.49 15.44 7.08
C TRP A 115 -12.63 14.44 7.36
N ALA A 116 -13.82 14.96 7.64
CA ALA A 116 -14.97 14.09 7.89
C ALA A 116 -15.26 13.17 6.71
N LEU A 117 -15.26 13.72 5.50
CA LEU A 117 -15.54 12.90 4.31
C LEU A 117 -14.44 11.86 4.09
N GLY A 118 -13.21 12.19 4.45
CA GLY A 118 -12.11 11.22 4.42
C GLY A 118 -12.35 10.05 5.35
N ASN A 119 -12.86 10.32 6.55
CA ASN A 119 -13.17 9.23 7.49
C ASN A 119 -14.29 8.32 6.97
N ILE A 120 -15.31 8.94 6.38
CA ILE A 120 -16.44 8.19 5.85
C ILE A 120 -15.97 7.31 4.68
N ALA A 121 -15.28 7.93 3.71
CA ALA A 121 -14.75 7.15 2.56
C ALA A 121 -13.75 6.07 2.98
N GLY A 122 -12.99 6.34 4.04
CA GLY A 122 -11.98 5.40 4.50
C GLY A 122 -12.55 4.17 5.18
N ASP A 123 -13.86 4.17 5.45
CA ASP A 123 -14.47 2.98 5.99
C ASP A 123 -14.41 1.75 5.06
N GLY A 124 -14.49 1.99 3.75
CA GLY A 124 -14.58 0.88 2.81
C GLY A 124 -15.17 1.29 1.48
N SER A 125 -15.23 0.37 0.53
CA SER A 125 -15.61 0.74 -0.84
C SER A 125 -17.06 1.24 -0.97
N ALA A 126 -17.98 0.70 -0.16
CA ALA A 126 -19.38 1.14 -0.30
C ALA A 126 -19.55 2.62 0.09
N PHE A 127 -19.03 3.00 1.26
CA PHE A 127 -19.16 4.39 1.70
C PHE A 127 -18.30 5.31 0.83
N ARG A 128 -17.16 4.81 0.35
CA ARG A 128 -16.34 5.55 -0.62
C ARG A 128 -17.18 5.89 -1.84
N ASP A 129 -17.82 4.88 -2.41
CA ASP A 129 -18.62 5.08 -3.60
C ASP A 129 -19.87 5.95 -3.32
N LEU A 130 -20.42 5.86 -2.11
CA LEU A 130 -21.57 6.71 -1.78
C LEU A 130 -21.16 8.19 -1.68
N VAL A 131 -19.98 8.45 -1.10
CA VAL A 131 -19.45 9.81 -1.06
C VAL A 131 -19.26 10.35 -2.48
N ILE A 132 -18.72 9.52 -3.37
CA ILE A 132 -18.60 9.91 -4.79
C ILE A 132 -19.95 10.18 -5.47
N LYS A 133 -20.96 9.32 -5.23
CA LYS A 133 -22.28 9.53 -5.84
C LYS A 133 -22.93 10.84 -5.36
N HIS A 134 -22.67 11.22 -4.11
CA HIS A 134 -23.23 12.47 -3.59
C HIS A 134 -22.51 13.70 -4.19
N GLY A 135 -21.47 13.47 -5.00
CA GLY A 135 -20.82 14.56 -5.71
C GLY A 135 -19.64 15.23 -5.03
N ALA A 136 -18.89 14.49 -4.24
CA ALA A 136 -17.81 15.09 -3.45
C ALA A 136 -16.59 15.50 -4.27
N ILE A 137 -16.35 14.83 -5.41
CA ILE A 137 -15.09 15.02 -6.10
C ILE A 137 -14.92 16.44 -6.71
N ASP A 138 -15.93 16.94 -7.43
CA ASP A 138 -15.80 18.29 -8.04
C ASP A 138 -15.44 19.39 -7.00
N PRO A 139 -16.19 19.48 -5.89
CA PRO A 139 -15.81 20.54 -4.95
C PRO A 139 -14.49 20.29 -4.22
N LEU A 140 -14.11 19.03 -4.00
CA LEU A 140 -12.81 18.74 -3.43
C LEU A 140 -11.68 19.22 -4.37
N LEU A 141 -11.81 18.93 -5.66
CA LEU A 141 -10.77 19.33 -6.60
C LEU A 141 -10.74 20.84 -6.79
N ALA A 142 -11.90 21.48 -6.69
CA ALA A 142 -11.96 22.94 -6.82
C ALA A 142 -11.11 23.63 -5.75
N LEU A 143 -10.99 23.03 -4.56
CA LEU A 143 -10.18 23.63 -3.49
C LEU A 143 -8.70 23.59 -3.84
N LEU A 144 -8.32 22.66 -4.73
CA LEU A 144 -6.92 22.48 -5.12
C LEU A 144 -6.60 23.09 -6.49
N ALA A 145 -7.59 23.73 -7.10
CA ALA A 145 -7.41 24.35 -8.40
C ALA A 145 -6.80 25.74 -8.26
N VAL A 146 -5.51 25.78 -7.92
CA VAL A 146 -4.77 27.03 -7.74
C VAL A 146 -3.48 26.96 -8.57
N PRO A 147 -2.91 28.11 -8.95
CA PRO A 147 -1.69 28.06 -9.75
C PRO A 147 -0.54 27.36 -9.04
N ASP A 148 -0.46 27.54 -7.73
CA ASP A 148 0.65 27.01 -6.94
C ASP A 148 0.15 26.51 -5.58
N LEU A 149 0.28 25.21 -5.36
CA LEU A 149 -0.18 24.55 -4.13
C LEU A 149 0.43 25.16 -2.86
N SER A 150 1.58 25.79 -2.99
CA SER A 150 2.28 26.39 -1.84
C SER A 150 1.57 27.59 -1.22
N THR A 151 0.54 28.11 -1.89
CA THR A 151 -0.20 29.23 -1.31
C THR A 151 -1.26 28.72 -0.34
N LEU A 152 -1.53 27.42 -0.37
CA LEU A 152 -2.46 26.80 0.56
C LEU A 152 -1.79 26.50 1.91
N ALA A 153 -2.56 26.56 2.99
CA ALA A 153 -2.06 26.19 4.30
C ALA A 153 -1.63 24.72 4.30
N CYS A 154 -0.48 24.45 4.90
CA CYS A 154 0.10 23.11 4.91
C CYS A 154 -0.84 22.04 5.48
N GLY A 155 -1.49 22.35 6.61
CA GLY A 155 -2.43 21.42 7.22
C GLY A 155 -3.63 21.13 6.34
N TYR A 156 -4.14 22.19 5.72
CA TYR A 156 -5.27 22.10 4.78
C TYR A 156 -4.94 21.17 3.62
N LEU A 157 -3.78 21.41 3.01
CA LEU A 157 -3.32 20.64 1.87
C LEU A 157 -3.08 19.16 2.24
N ARG A 158 -2.53 18.92 3.43
CA ARG A 158 -2.35 17.54 3.90
C ARG A 158 -3.67 16.79 4.10
N ASN A 159 -4.67 17.46 4.66
CA ASN A 159 -5.99 16.84 4.81
C ASN A 159 -6.65 16.56 3.46
N LEU A 160 -6.56 17.51 2.53
CA LEU A 160 -7.09 17.30 1.18
C LEU A 160 -6.47 16.08 0.51
N THR A 161 -5.15 15.94 0.63
CA THR A 161 -4.43 14.83 -0.01
C THR A 161 -4.83 13.48 0.59
N TRP A 162 -4.90 13.44 1.91
CA TRP A 162 -5.31 12.22 2.61
C TRP A 162 -6.73 11.82 2.21
N THR A 163 -7.66 12.76 2.22
CA THR A 163 -9.04 12.44 1.83
C THR A 163 -9.11 11.95 0.37
N LEU A 164 -8.36 12.59 -0.53
CA LEU A 164 -8.33 12.13 -1.91
C LEU A 164 -7.76 10.72 -2.01
N SER A 165 -6.76 10.38 -1.19
CA SER A 165 -6.20 9.02 -1.22
C SER A 165 -7.21 7.95 -0.76
N ASN A 166 -8.13 8.30 0.13
CA ASN A 166 -9.16 7.34 0.55
C ASN A 166 -10.19 7.15 -0.56
N LEU A 167 -10.36 8.15 -1.43
CA LEU A 167 -11.25 7.97 -2.57
C LEU A 167 -10.61 7.06 -3.64
N CYS A 168 -9.28 6.91 -3.56
CA CYS A 168 -8.55 6.01 -4.46
C CYS A 168 -8.36 4.61 -3.88
N ARG A 169 -8.68 4.47 -2.60
CA ARG A 169 -8.38 3.24 -1.84
C ARG A 169 -9.45 2.16 -1.93
N ASN A 170 -9.03 0.91 -1.69
CA ASN A 170 -9.89 -0.27 -1.56
C ASN A 170 -10.33 -0.89 -2.89
N LYS A 171 -10.62 -2.18 -2.81
CA LYS A 171 -10.97 -3.01 -3.96
C LYS A 171 -12.30 -3.72 -3.71
N ASN A 172 -12.71 -4.56 -4.65
CA ASN A 172 -14.01 -5.24 -4.57
C ASN A 172 -15.21 -4.35 -4.23
N PRO A 173 -15.49 -3.33 -5.05
CA PRO A 173 -14.80 -3.01 -6.30
C PRO A 173 -13.74 -1.93 -6.10
N ALA A 174 -12.91 -1.75 -7.12
CA ALA A 174 -12.01 -0.61 -7.18
C ALA A 174 -12.85 0.64 -7.40
N PRO A 175 -12.28 1.84 -7.19
CA PRO A 175 -13.07 3.05 -7.41
C PRO A 175 -13.56 3.15 -8.87
N PRO A 176 -14.68 3.86 -9.10
CA PRO A 176 -15.22 4.03 -10.47
C PRO A 176 -14.17 4.61 -11.42
N LEU A 177 -14.05 4.03 -12.62
CA LEU A 177 -13.02 4.46 -13.57
C LEU A 177 -13.07 5.97 -13.82
N ASP A 178 -14.28 6.52 -13.96
CA ASP A 178 -14.42 7.94 -14.26
C ASP A 178 -13.99 8.81 -13.09
N ALA A 179 -14.21 8.33 -11.87
CA ALA A 179 -13.73 9.03 -10.67
C ALA A 179 -12.20 9.05 -10.63
N VAL A 180 -11.58 7.92 -10.95
CA VAL A 180 -10.12 7.87 -10.99
C VAL A 180 -9.55 8.85 -12.04
N GLU A 181 -10.16 8.87 -13.23
CA GLU A 181 -9.69 9.76 -14.30
C GLU A 181 -9.83 11.22 -13.90
N GLN A 182 -10.89 11.53 -13.17
CA GLN A 182 -11.18 12.89 -12.76
C GLN A 182 -10.17 13.37 -11.70
N ILE A 183 -9.79 12.45 -10.82
CA ILE A 183 -8.88 12.77 -9.72
C ILE A 183 -7.40 12.80 -10.17
N LEU A 184 -7.03 11.95 -11.12
CA LEU A 184 -5.60 11.74 -11.40
C LEU A 184 -4.77 13.00 -11.71
N PRO A 185 -5.28 13.93 -12.54
CA PRO A 185 -4.43 15.11 -12.82
C PRO A 185 -4.07 15.92 -11.56
N THR A 186 -5.01 16.09 -10.65
CA THR A 186 -4.73 16.75 -9.38
C THR A 186 -3.77 15.90 -8.54
N LEU A 187 -3.99 14.59 -8.54
CA LEU A 187 -3.11 13.71 -7.79
C LEU A 187 -1.65 13.78 -8.26
N VAL A 188 -1.44 13.88 -9.57
CA VAL A 188 -0.09 13.98 -10.11
C VAL A 188 0.59 15.31 -9.70
N ARG A 189 -0.19 16.40 -9.57
CA ARG A 189 0.36 17.64 -9.04
C ARG A 189 0.78 17.49 -7.58
N LEU A 190 -0.07 16.85 -6.77
CA LEU A 190 0.27 16.60 -5.36
C LEU A 190 1.55 15.76 -5.24
N LEU A 191 1.74 14.82 -6.18
CA LEU A 191 2.92 13.95 -6.19
C LEU A 191 4.23 14.71 -6.45
N HIS A 192 4.13 15.94 -6.93
CA HIS A 192 5.31 16.79 -7.12
C HIS A 192 5.42 17.90 -6.09
N HIS A 193 4.54 17.88 -5.09
CA HIS A 193 4.58 18.91 -4.06
C HIS A 193 5.72 18.63 -3.08
N ASN A 194 6.29 19.66 -2.46
CA ASN A 194 7.47 19.43 -1.63
C ASN A 194 7.21 19.23 -0.13
N ASP A 195 6.02 18.78 0.23
CA ASP A 195 5.77 18.46 1.64
C ASP A 195 5.81 16.96 1.86
N PRO A 196 6.58 16.49 2.86
CA PRO A 196 6.77 15.05 3.11
C PRO A 196 5.45 14.29 3.37
N GLU A 197 4.54 14.86 4.13
CA GLU A 197 3.29 14.16 4.37
C GLU A 197 2.37 14.15 3.13
N VAL A 198 2.35 15.24 2.38
CA VAL A 198 1.59 15.25 1.12
C VAL A 198 2.18 14.21 0.16
N LEU A 199 3.51 14.12 0.12
CA LEU A 199 4.16 13.14 -0.76
C LEU A 199 3.83 11.70 -0.35
N ALA A 200 3.90 11.40 0.94
CA ALA A 200 3.56 10.06 1.41
C ALA A 200 2.13 9.65 1.03
N ASP A 201 1.16 10.51 1.33
CA ASP A 201 -0.24 10.17 1.06
C ASP A 201 -0.55 10.12 -0.45
N SER A 202 0.16 10.91 -1.23
CA SER A 202 0.07 10.86 -2.70
C SER A 202 0.59 9.52 -3.22
N CYS A 203 1.72 9.08 -2.67
CA CYS A 203 2.26 7.76 -3.03
C CYS A 203 1.30 6.63 -2.64
N TRP A 204 0.67 6.76 -1.47
CA TRP A 204 -0.30 5.75 -1.07
C TRP A 204 -1.42 5.68 -2.09
N ALA A 205 -1.93 6.83 -2.52
CA ALA A 205 -3.02 6.90 -3.50
C ALA A 205 -2.62 6.20 -4.81
N ILE A 206 -1.44 6.53 -5.31
CA ILE A 206 -0.90 5.91 -6.52
C ILE A 206 -0.73 4.40 -6.32
N SER A 207 -0.27 4.00 -5.14
CA SER A 207 -0.11 2.57 -4.87
C SER A 207 -1.46 1.84 -4.92
N TYR A 208 -2.54 2.48 -4.45
CA TYR A 208 -3.86 1.85 -4.50
C TYR A 208 -4.36 1.74 -5.94
N LEU A 209 -4.13 2.80 -6.71
CA LEU A 209 -4.60 2.87 -8.10
C LEU A 209 -3.90 1.87 -9.01
N THR A 210 -2.66 1.51 -8.65
CA THR A 210 -1.88 0.56 -9.45
C THR A 210 -2.04 -0.89 -8.95
N ASP A 211 -2.80 -1.05 -7.87
CA ASP A 211 -3.09 -2.36 -7.30
C ASP A 211 -4.35 -2.92 -7.97
N GLY A 212 -4.19 -3.53 -9.14
CA GLY A 212 -5.32 -4.04 -9.88
C GLY A 212 -4.93 -4.56 -11.25
N PRO A 213 -5.93 -4.79 -12.12
CA PRO A 213 -5.70 -5.24 -13.50
C PRO A 213 -4.81 -4.26 -14.28
N ASN A 214 -4.20 -4.74 -15.36
CA ASN A 214 -3.23 -3.94 -16.10
C ASN A 214 -3.83 -2.67 -16.69
N GLU A 215 -5.14 -2.68 -16.96
CA GLU A 215 -5.82 -1.49 -17.46
C GLU A 215 -5.80 -0.35 -16.44
N ARG A 216 -5.92 -0.67 -15.15
CA ARG A 216 -5.83 0.33 -14.10
C ARG A 216 -4.40 0.88 -13.99
N ILE A 217 -3.42 -0.02 -14.08
CA ILE A 217 -2.02 0.38 -14.06
C ILE A 217 -1.73 1.35 -15.21
N GLU A 218 -2.29 1.06 -16.39
CA GLU A 218 -2.03 1.86 -17.57
C GLU A 218 -2.55 3.30 -17.43
N MET A 219 -3.71 3.45 -16.80
CA MET A 219 -4.29 4.79 -16.52
C MET A 219 -3.29 5.67 -15.78
N VAL A 220 -2.58 5.06 -14.85
CA VAL A 220 -1.61 5.77 -14.03
C VAL A 220 -0.30 6.01 -14.79
N VAL A 221 0.24 4.97 -15.41
CA VAL A 221 1.51 5.08 -16.12
C VAL A 221 1.46 6.13 -17.25
N LYS A 222 0.33 6.19 -17.95
CA LYS A 222 0.11 7.17 -19.02
C LYS A 222 0.23 8.62 -18.57
N LYS A 223 -0.04 8.88 -17.28
CA LYS A 223 0.05 10.24 -16.73
C LYS A 223 1.49 10.63 -16.41
N GLY A 224 2.43 9.72 -16.69
CA GLY A 224 3.84 10.04 -16.64
C GLY A 224 4.49 10.08 -15.27
N VAL A 225 3.89 9.40 -14.29
CA VAL A 225 4.34 9.46 -12.90
C VAL A 225 5.56 8.61 -12.56
N VAL A 226 5.94 7.69 -13.44
CA VAL A 226 6.98 6.71 -13.05
C VAL A 226 8.33 7.38 -12.70
N PRO A 227 8.77 8.37 -13.49
CA PRO A 227 10.03 8.98 -13.04
C PRO A 227 9.94 9.62 -11.64
N GLN A 228 8.83 10.25 -11.30
CA GLN A 228 8.70 10.87 -9.99
C GLN A 228 8.64 9.79 -8.90
N LEU A 229 7.97 8.67 -9.18
CA LEU A 229 7.96 7.56 -8.24
C LEU A 229 9.37 7.05 -7.97
N VAL A 230 10.19 6.94 -9.01
CA VAL A 230 11.58 6.47 -8.88
C VAL A 230 12.41 7.46 -8.06
N LYS A 231 12.16 8.76 -8.23
CA LYS A 231 12.83 9.75 -7.40
C LYS A 231 12.45 9.56 -5.92
N LEU A 232 11.18 9.30 -5.65
CA LEU A 232 10.67 9.19 -4.29
C LEU A 232 11.13 7.86 -3.64
N LEU A 233 11.42 6.87 -4.47
CA LEU A 233 12.06 5.63 -4.06
C LEU A 233 13.34 5.87 -3.26
N GLY A 234 14.03 6.96 -3.59
CA GLY A 234 15.27 7.32 -2.94
C GLY A 234 15.14 8.37 -1.85
N ALA A 235 13.91 8.67 -1.42
CA ALA A 235 13.70 9.66 -0.35
C ALA A 235 14.33 9.15 0.94
N THR A 236 14.74 10.07 1.82
CA THR A 236 15.29 9.65 3.10
C THR A 236 14.16 9.28 4.08
N GLU A 237 12.95 9.74 3.80
CA GLU A 237 11.80 9.45 4.67
C GLU A 237 11.20 8.07 4.39
N LEU A 238 11.25 7.18 5.38
CA LEU A 238 10.62 5.88 5.24
C LEU A 238 9.11 5.94 4.93
N PRO A 239 8.36 6.90 5.55
CA PRO A 239 6.96 7.01 5.14
C PRO A 239 6.74 7.37 3.66
N ILE A 240 7.75 7.88 2.98
CA ILE A 240 7.62 8.09 1.53
C ILE A 240 8.10 6.86 0.75
N VAL A 241 9.23 6.28 1.15
CA VAL A 241 9.80 5.14 0.43
C VAL A 241 8.84 3.95 0.42
N THR A 242 8.19 3.70 1.56
CA THR A 242 7.31 2.53 1.68
C THR A 242 6.19 2.53 0.61
N PRO A 243 5.37 3.61 0.50
CA PRO A 243 4.35 3.56 -0.56
C PRO A 243 4.90 3.71 -1.99
N ALA A 244 5.98 4.47 -2.18
CA ALA A 244 6.56 4.60 -3.50
C ALA A 244 7.01 3.24 -4.02
N LEU A 245 7.64 2.46 -3.14
CA LEU A 245 8.06 1.10 -3.47
C LEU A 245 6.87 0.15 -3.76
N ARG A 246 5.82 0.25 -2.94
CA ARG A 246 4.60 -0.50 -3.22
C ARG A 246 4.05 -0.19 -4.61
N ALA A 247 4.03 1.09 -4.98
CA ALA A 247 3.50 1.50 -6.29
C ALA A 247 4.37 0.99 -7.43
N ILE A 248 5.68 1.14 -7.28
CA ILE A 248 6.61 0.61 -8.27
C ILE A 248 6.43 -0.89 -8.40
N GLY A 249 6.31 -1.58 -7.26
CA GLY A 249 6.12 -3.02 -7.25
C GLY A 249 4.83 -3.43 -7.95
N ASN A 250 3.78 -2.68 -7.71
CA ASN A 250 2.50 -2.93 -8.36
C ASN A 250 2.60 -2.78 -9.88
N ILE A 251 3.30 -1.76 -10.32
CA ILE A 251 3.43 -1.48 -11.75
C ILE A 251 4.13 -2.62 -12.49
N VAL A 252 5.14 -3.24 -11.88
CA VAL A 252 5.87 -4.32 -12.55
C VAL A 252 5.13 -5.67 -12.46
N THR A 253 3.96 -5.69 -11.83
CA THR A 253 3.07 -6.85 -11.97
C THR A 253 2.32 -6.78 -13.31
N GLY A 254 2.50 -5.66 -14.02
CA GLY A 254 1.77 -5.38 -15.25
C GLY A 254 2.40 -5.98 -16.49
N THR A 255 2.21 -5.33 -17.63
CA THR A 255 2.77 -5.83 -18.89
C THR A 255 4.28 -5.66 -18.94
N ASP A 256 4.92 -6.32 -19.90
CA ASP A 256 6.35 -6.15 -20.11
C ASP A 256 6.68 -4.68 -20.42
N GLU A 257 5.79 -4.04 -21.15
CA GLU A 257 5.94 -2.63 -21.52
C GLU A 257 5.82 -1.70 -20.30
N GLN A 258 4.86 -1.98 -19.44
CA GLN A 258 4.69 -1.22 -18.21
C GLN A 258 5.90 -1.42 -17.30
N THR A 259 6.36 -2.67 -17.21
CA THR A 259 7.58 -2.98 -16.46
C THR A 259 8.80 -2.25 -17.01
N GLN A 260 8.90 -2.17 -18.33
CA GLN A 260 10.03 -1.49 -18.98
C GLN A 260 10.09 0.01 -18.64
N LYS A 261 8.93 0.63 -18.44
CA LYS A 261 8.88 2.05 -18.06
C LYS A 261 9.61 2.25 -16.74
N VAL A 262 9.45 1.29 -15.84
CA VAL A 262 10.10 1.33 -14.54
C VAL A 262 11.61 1.22 -14.70
N ILE A 263 12.04 0.28 -15.54
CA ILE A 263 13.46 0.11 -15.81
C ILE A 263 14.03 1.36 -16.50
N ASP A 264 13.30 1.88 -17.49
CA ASP A 264 13.78 3.05 -18.24
C ASP A 264 13.95 4.30 -17.38
N ALA A 265 13.18 4.42 -16.30
CA ALA A 265 13.25 5.60 -15.44
C ALA A 265 14.37 5.50 -14.41
N GLY A 266 15.09 4.38 -14.43
CA GLY A 266 16.27 4.20 -13.59
C GLY A 266 16.03 3.53 -12.25
N ALA A 267 14.91 2.81 -12.12
CA ALA A 267 14.55 2.24 -10.82
C ALA A 267 15.60 1.26 -10.30
N LEU A 268 16.21 0.50 -11.19
CA LEU A 268 17.08 -0.60 -10.75
C LEU A 268 18.32 -0.11 -10.01
N ALA A 269 18.71 1.14 -10.24
CA ALA A 269 19.90 1.70 -9.59
C ALA A 269 19.66 1.96 -8.10
N VAL A 270 18.40 1.99 -7.69
CA VAL A 270 18.05 2.19 -6.28
C VAL A 270 18.08 0.85 -5.51
N PHE A 271 18.10 -0.27 -6.22
CA PHE A 271 17.93 -1.55 -5.52
C PHE A 271 19.12 -2.11 -4.73
N PRO A 272 20.37 -1.67 -5.01
CA PRO A 272 21.39 -2.08 -4.03
C PRO A 272 21.03 -1.61 -2.62
N SER A 273 20.55 -0.38 -2.48
CA SER A 273 20.12 0.10 -1.17
C SER A 273 18.83 -0.58 -0.67
N LEU A 274 17.83 -0.73 -1.54
CA LEU A 274 16.55 -1.29 -1.10
C LEU A 274 16.71 -2.75 -0.65
N LEU A 275 17.52 -3.51 -1.38
CA LEU A 275 17.74 -4.92 -1.05
C LEU A 275 18.63 -5.13 0.18
N THR A 276 19.20 -4.06 0.73
CA THR A 276 19.94 -4.15 2.00
C THR A 276 19.34 -3.24 3.06
N ASN A 277 18.12 -2.76 2.83
CA ASN A 277 17.51 -1.77 3.71
C ASN A 277 17.28 -2.34 5.12
N PRO A 278 17.57 -1.55 6.16
CA PRO A 278 17.39 -2.02 7.55
C PRO A 278 15.93 -2.31 7.92
N LYS A 279 14.95 -1.77 7.21
CA LYS A 279 13.56 -2.09 7.51
C LYS A 279 13.19 -3.38 6.77
N THR A 280 12.79 -4.40 7.51
CA THR A 280 12.59 -5.72 6.92
C THR A 280 11.48 -5.70 5.86
N ASN A 281 10.46 -4.85 6.07
CA ASN A 281 9.36 -4.73 5.12
C ASN A 281 9.81 -4.16 3.77
N ILE A 282 10.77 -3.24 3.81
CA ILE A 282 11.32 -2.68 2.57
C ILE A 282 12.11 -3.73 1.79
N GLN A 283 12.94 -4.50 2.49
CA GLN A 283 13.67 -5.59 1.85
C GLN A 283 12.75 -6.59 1.19
N LYS A 284 11.69 -6.96 1.90
CA LYS A 284 10.72 -7.92 1.40
C LYS A 284 10.03 -7.40 0.14
N GLU A 285 9.48 -6.19 0.20
CA GLU A 285 8.82 -5.58 -0.95
C GLU A 285 9.77 -5.38 -2.13
N ALA A 286 11.02 -5.00 -1.86
CA ALA A 286 12.01 -4.83 -2.91
C ALA A 286 12.36 -6.16 -3.57
N THR A 287 12.42 -7.24 -2.79
CA THR A 287 12.74 -8.54 -3.37
C THR A 287 11.54 -9.09 -4.15
N TRP A 288 10.33 -8.86 -3.64
CA TRP A 288 9.12 -9.20 -4.36
C TRP A 288 9.09 -8.50 -5.72
N THR A 289 9.40 -7.20 -5.71
CA THR A 289 9.50 -6.41 -6.93
C THR A 289 10.52 -7.02 -7.90
N MET A 290 11.69 -7.38 -7.38
CA MET A 290 12.72 -8.01 -8.21
C MET A 290 12.21 -9.30 -8.84
N SER A 291 11.44 -10.08 -8.08
CA SER A 291 10.92 -11.37 -8.58
C SER A 291 9.96 -11.17 -9.75
N ASN A 292 9.22 -10.08 -9.77
CA ASN A 292 8.34 -9.82 -10.90
C ASN A 292 9.08 -9.23 -12.10
N ILE A 293 10.24 -8.64 -11.85
CA ILE A 293 11.06 -8.16 -12.95
C ILE A 293 11.81 -9.33 -13.59
N THR A 294 12.30 -10.29 -12.78
CA THR A 294 12.97 -11.44 -13.39
C THR A 294 11.94 -12.38 -14.02
N ALA A 295 10.66 -12.09 -13.82
CA ALA A 295 9.58 -12.79 -14.52
C ALA A 295 9.36 -12.22 -15.91
N GLY A 296 10.15 -11.20 -16.28
CA GLY A 296 9.99 -10.50 -17.54
C GLY A 296 10.79 -11.03 -18.71
N ARG A 297 11.05 -10.17 -19.70
CA ARG A 297 11.78 -10.55 -20.91
C ARG A 297 13.26 -10.81 -20.62
N GLN A 298 13.94 -11.48 -21.54
CA GLN A 298 15.37 -11.74 -21.37
C GLN A 298 16.17 -10.45 -21.36
N ASP A 299 15.75 -9.44 -22.12
CA ASP A 299 16.44 -8.15 -22.07
C ASP A 299 16.23 -7.44 -20.72
N GLN A 300 15.15 -7.79 -20.03
CA GLN A 300 14.89 -7.19 -18.72
C GLN A 300 15.71 -7.91 -17.64
N ILE A 301 15.77 -9.23 -17.72
CA ILE A 301 16.72 -10.00 -16.91
C ILE A 301 18.15 -9.47 -17.11
N GLN A 302 18.51 -9.15 -18.35
CA GLN A 302 19.86 -8.63 -18.61
C GLN A 302 20.10 -7.29 -17.92
N GLN A 303 19.07 -6.44 -17.81
CA GLN A 303 19.25 -5.19 -17.10
C GLN A 303 19.47 -5.44 -15.60
N VAL A 304 18.83 -6.47 -15.07
CA VAL A 304 19.03 -6.87 -13.68
C VAL A 304 20.50 -7.25 -13.50
N VAL A 305 21.00 -8.07 -14.43
CA VAL A 305 22.40 -8.45 -14.44
C VAL A 305 23.32 -7.22 -14.57
N ASN A 306 23.02 -6.33 -15.51
CA ASN A 306 23.88 -5.16 -15.76
C ASN A 306 24.00 -4.20 -14.56
N HIS A 307 22.92 -4.09 -13.79
CA HIS A 307 22.91 -3.21 -12.61
C HIS A 307 23.55 -3.87 -11.39
N GLY A 308 24.11 -5.05 -11.58
CA GLY A 308 24.82 -5.76 -10.51
C GLY A 308 23.92 -6.32 -9.41
N LEU A 309 22.68 -6.65 -9.76
CA LEU A 309 21.71 -7.01 -8.73
C LEU A 309 21.69 -8.50 -8.40
N VAL A 310 22.31 -9.35 -9.23
CA VAL A 310 22.31 -10.77 -8.89
C VAL A 310 23.10 -11.05 -7.59
N PRO A 311 24.27 -10.40 -7.38
CA PRO A 311 24.90 -10.56 -6.06
C PRO A 311 24.02 -10.10 -4.88
N PHE A 312 23.17 -9.08 -5.08
CA PHE A 312 22.27 -8.68 -4.00
C PHE A 312 21.18 -9.75 -3.74
N LEU A 313 20.71 -10.43 -4.78
CA LEU A 313 19.81 -11.56 -4.57
C LEU A 313 20.49 -12.73 -3.86
N VAL A 314 21.74 -13.00 -4.23
CA VAL A 314 22.51 -14.01 -3.52
C VAL A 314 22.59 -13.65 -2.02
N GLY A 315 22.82 -12.37 -1.72
CA GLY A 315 22.90 -11.90 -0.34
C GLY A 315 21.62 -12.17 0.44
N VAL A 316 20.49 -11.78 -0.14
CA VAL A 316 19.21 -11.95 0.52
C VAL A 316 18.87 -13.42 0.73
N LEU A 317 19.21 -14.26 -0.25
CA LEU A 317 19.04 -15.71 -0.10
C LEU A 317 19.89 -16.23 1.07
N SER A 318 21.08 -15.65 1.21
CA SER A 318 22.03 -16.08 2.24
C SER A 318 21.59 -15.69 3.64
N LYS A 319 21.06 -14.47 3.76
CA LYS A 319 20.68 -13.95 5.06
C LYS A 319 19.65 -12.86 4.88
N ALA A 320 18.46 -13.11 5.43
CA ALA A 320 17.37 -12.17 5.40
C ALA A 320 16.26 -12.75 6.27
N ASP A 321 15.25 -11.94 6.56
CA ASP A 321 14.06 -12.48 7.21
C ASP A 321 13.48 -13.55 6.29
N PHE A 322 12.92 -14.61 6.87
CA PHE A 322 12.50 -15.77 6.06
C PHE A 322 11.53 -15.42 4.93
N LYS A 323 10.60 -14.50 5.19
CA LYS A 323 9.64 -14.12 4.14
C LYS A 323 10.33 -13.42 2.98
N THR A 324 11.41 -12.69 3.27
CA THR A 324 12.22 -12.06 2.23
C THR A 324 12.99 -13.14 1.43
N GLN A 325 13.52 -14.13 2.14
CA GLN A 325 14.26 -15.23 1.49
C GLN A 325 13.37 -15.98 0.48
N LYS A 326 12.12 -16.12 0.87
CA LYS A 326 11.08 -16.70 0.06
C LYS A 326 10.88 -15.98 -1.26
N GLU A 327 10.74 -14.65 -1.20
CA GLU A 327 10.64 -13.82 -2.39
C GLU A 327 11.91 -13.96 -3.26
N ALA A 328 13.07 -14.08 -2.61
CA ALA A 328 14.32 -14.28 -3.34
C ALA A 328 14.34 -15.62 -4.08
N ALA A 329 13.85 -16.67 -3.43
CA ALA A 329 13.73 -17.97 -4.09
C ALA A 329 12.88 -17.84 -5.34
N TRP A 330 11.76 -17.13 -5.22
CA TRP A 330 10.87 -16.90 -6.36
C TRP A 330 11.58 -16.11 -7.45
N ALA A 331 12.34 -15.09 -7.05
CA ALA A 331 13.09 -14.29 -8.00
C ALA A 331 14.04 -15.20 -8.80
N ILE A 332 14.70 -16.11 -8.10
CA ILE A 332 15.63 -17.05 -8.75
C ILE A 332 14.92 -18.06 -9.66
N THR A 333 13.81 -18.62 -9.23
CA THR A 333 13.10 -19.57 -10.07
C THR A 333 12.58 -18.89 -11.34
N ASN A 334 12.10 -17.65 -11.20
CA ASN A 334 11.65 -16.88 -12.36
C ASN A 334 12.79 -16.60 -13.32
N TYR A 335 13.92 -16.17 -12.76
CA TYR A 335 15.13 -15.90 -13.51
C TYR A 335 15.53 -17.14 -14.30
N THR A 336 15.60 -18.28 -13.62
CA THR A 336 16.05 -19.52 -14.27
C THR A 336 15.02 -20.05 -15.26
N SER A 337 13.77 -19.64 -15.09
CA SER A 337 12.71 -20.06 -16.00
C SER A 337 12.76 -19.32 -17.34
N GLY A 338 13.00 -18.00 -17.28
CA GLY A 338 12.97 -17.17 -18.47
C GLY A 338 14.32 -16.81 -19.07
N GLY A 339 15.40 -17.03 -18.33
CA GLY A 339 16.70 -16.55 -18.74
C GLY A 339 17.40 -17.38 -19.81
N THR A 340 18.42 -16.78 -20.42
CA THR A 340 19.28 -17.50 -21.35
C THR A 340 20.23 -18.43 -20.61
N VAL A 341 20.85 -19.35 -21.34
CA VAL A 341 21.83 -20.25 -20.76
C VAL A 341 22.96 -19.45 -20.10
N GLU A 342 23.44 -18.41 -20.78
CA GLU A 342 24.52 -17.58 -20.28
C GLU A 342 24.11 -16.81 -19.02
N GLN A 343 22.87 -16.33 -19.00
CA GLN A 343 22.32 -15.66 -17.82
C GLN A 343 22.30 -16.62 -16.64
N ILE A 344 21.86 -17.86 -16.89
CA ILE A 344 21.74 -18.86 -15.83
C ILE A 344 23.11 -19.26 -15.30
N VAL A 345 24.07 -19.46 -16.21
CA VAL A 345 25.45 -19.75 -15.84
C VAL A 345 26.03 -18.63 -14.96
N TYR A 346 25.74 -17.38 -15.33
CA TYR A 346 26.19 -16.24 -14.57
C TYR A 346 25.68 -16.31 -13.12
N LEU A 347 24.44 -16.76 -12.98
CA LEU A 347 23.81 -16.93 -11.67
C LEU A 347 24.61 -17.85 -10.76
N VAL A 348 25.02 -19.00 -11.31
CA VAL A 348 25.83 -19.97 -10.58
C VAL A 348 27.19 -19.40 -10.17
N HIS A 349 27.86 -18.72 -11.10
CA HIS A 349 29.15 -18.10 -10.79
C HIS A 349 29.04 -17.01 -9.71
N CYS A 350 27.84 -16.45 -9.53
CA CYS A 350 27.61 -15.45 -8.51
C CYS A 350 27.44 -16.07 -7.13
N GLY A 351 27.35 -17.40 -7.10
CA GLY A 351 27.27 -18.15 -5.84
C GLY A 351 25.87 -18.52 -5.37
N ILE A 352 24.95 -18.72 -6.31
CA ILE A 352 23.56 -18.96 -5.92
C ILE A 352 23.34 -20.34 -5.29
N ILE A 353 24.18 -21.33 -5.62
CA ILE A 353 23.86 -22.71 -5.29
C ILE A 353 23.86 -23.00 -3.79
N GLU A 354 24.92 -22.63 -3.08
CA GLU A 354 24.99 -22.97 -1.65
C GLU A 354 23.85 -22.35 -0.83
N PRO A 355 23.59 -21.03 -0.95
CA PRO A 355 22.45 -20.49 -0.18
C PRO A 355 21.10 -21.07 -0.61
N LEU A 356 20.99 -21.49 -1.86
CA LEU A 356 19.75 -22.11 -2.33
C LEU A 356 19.58 -23.47 -1.66
N MET A 357 20.67 -24.24 -1.61
CA MET A 357 20.66 -25.56 -0.97
C MET A 357 20.39 -25.48 0.52
N ASN A 358 20.86 -24.42 1.17
CA ASN A 358 20.68 -24.28 2.62
C ASN A 358 19.23 -24.01 2.98
N LEU A 359 18.49 -23.38 2.08
CA LEU A 359 17.08 -23.09 2.32
C LEU A 359 16.18 -24.31 2.13
N LEU A 360 16.76 -25.41 1.66
CA LEU A 360 16.01 -26.66 1.51
C LEU A 360 15.69 -27.28 2.87
N SER A 361 16.30 -26.74 3.92
CA SER A 361 16.07 -27.20 5.28
C SER A 361 14.75 -26.65 5.83
N ALA A 362 14.21 -25.67 5.11
CA ALA A 362 13.01 -24.96 5.55
C ALA A 362 11.84 -25.91 5.78
N LYS A 363 11.14 -25.70 6.89
CA LYS A 363 9.95 -26.49 7.18
C LYS A 363 8.75 -25.86 6.48
N ASP A 364 8.96 -25.45 5.24
CA ASP A 364 7.95 -24.76 4.46
C ASP A 364 7.85 -25.40 3.07
N THR A 365 6.69 -25.96 2.76
CA THR A 365 6.52 -26.79 1.57
C THR A 365 6.64 -26.01 0.27
N LYS A 366 6.00 -24.85 0.20
CA LYS A 366 6.01 -23.98 -0.98
C LYS A 366 7.43 -23.59 -1.44
N ILE A 367 8.26 -23.13 -0.52
CA ILE A 367 9.58 -22.67 -0.90
C ILE A 367 10.45 -23.85 -1.34
N ILE A 368 10.23 -25.04 -0.74
CA ILE A 368 10.95 -26.24 -1.16
C ILE A 368 10.66 -26.59 -2.63
N GLN A 369 9.39 -26.51 -3.01
CA GLN A 369 8.98 -26.73 -4.39
C GLN A 369 9.60 -25.71 -5.34
N VAL A 370 9.54 -24.44 -4.94
CA VAL A 370 10.13 -23.34 -5.70
C VAL A 370 11.62 -23.56 -5.94
N ILE A 371 12.33 -23.95 -4.89
CA ILE A 371 13.77 -24.19 -4.98
C ILE A 371 14.09 -25.40 -5.87
N LEU A 372 13.32 -26.48 -5.72
CA LEU A 372 13.54 -27.68 -6.53
C LEU A 372 13.35 -27.37 -8.01
N ASP A 373 12.37 -26.52 -8.31
CA ASP A 373 12.13 -26.06 -9.69
C ASP A 373 13.33 -25.33 -10.28
N ALA A 374 13.91 -24.42 -9.52
CA ALA A 374 15.10 -23.67 -9.97
C ALA A 374 16.26 -24.60 -10.25
N ILE A 375 16.49 -25.56 -9.37
CA ILE A 375 17.57 -26.54 -9.55
C ILE A 375 17.39 -27.31 -10.85
N SER A 376 16.18 -27.79 -11.07
CA SER A 376 15.82 -28.44 -12.31
C SER A 376 16.18 -27.52 -13.49
N ASN A 377 15.75 -26.27 -13.40
CA ASN A 377 16.04 -25.29 -14.45
C ASN A 377 17.53 -25.10 -14.68
N ILE A 378 18.30 -25.06 -13.61
CA ILE A 378 19.74 -24.84 -13.73
C ILE A 378 20.41 -26.07 -14.33
N PHE A 379 19.96 -27.27 -13.94
CA PHE A 379 20.47 -28.51 -14.53
C PHE A 379 20.18 -28.59 -16.02
N GLN A 380 19.04 -28.05 -16.45
CA GLN A 380 18.69 -28.11 -17.87
C GLN A 380 19.61 -27.21 -18.69
N ALA A 381 20.03 -26.10 -18.10
CA ALA A 381 21.00 -25.23 -18.76
C ALA A 381 22.37 -25.91 -18.81
N ALA A 382 22.73 -26.60 -17.73
CA ALA A 382 24.06 -27.18 -17.61
C ALA A 382 24.26 -28.34 -18.59
N GLU A 383 23.19 -29.07 -18.88
CA GLU A 383 23.29 -30.18 -19.82
C GLU A 383 23.29 -29.66 -21.25
N LYS A 384 22.69 -28.48 -21.47
CA LYS A 384 22.85 -27.79 -22.75
C LYS A 384 24.33 -27.51 -22.99
N LEU A 385 25.07 -27.32 -21.90
CA LEU A 385 26.51 -27.16 -21.97
C LEU A 385 27.24 -28.46 -21.68
N GLY A 386 26.46 -29.51 -21.38
CA GLY A 386 27.01 -30.81 -21.06
C GLY A 386 27.90 -30.77 -19.82
N GLU A 387 27.43 -30.08 -18.77
CA GLU A 387 28.21 -29.94 -17.55
C GLU A 387 27.39 -30.28 -16.31
N THR A 388 26.52 -31.27 -16.42
CA THR A 388 25.64 -31.63 -15.30
C THR A 388 26.39 -32.17 -14.10
N GLU A 389 27.38 -33.03 -14.33
CA GLU A 389 28.11 -33.64 -13.22
C GLU A 389 28.86 -32.55 -12.45
N LYS A 390 29.37 -31.57 -13.18
CA LYS A 390 30.06 -30.44 -12.57
C LYS A 390 29.17 -29.70 -11.58
N LEU A 391 27.90 -29.50 -11.95
CA LEU A 391 26.93 -28.89 -11.05
C LEU A 391 26.55 -29.88 -9.95
N SER A 392 26.43 -31.14 -10.32
CA SER A 392 26.11 -32.21 -9.37
C SER A 392 27.14 -32.26 -8.25
N ILE A 393 28.41 -32.16 -8.62
CA ILE A 393 29.51 -32.10 -7.67
C ILE A 393 29.37 -30.92 -6.72
N MET A 394 29.06 -29.75 -7.27
CA MET A 394 28.89 -28.54 -6.49
C MET A 394 27.80 -28.72 -5.45
N ILE A 395 26.71 -29.40 -5.83
CA ILE A 395 25.59 -29.62 -4.93
C ILE A 395 25.95 -30.64 -3.85
N GLU A 396 26.69 -31.67 -4.20
CA GLU A 396 27.12 -32.67 -3.23
C GLU A 396 28.02 -32.05 -2.16
N GLU A 397 29.01 -31.27 -2.61
CA GLU A 397 30.02 -30.74 -1.72
C GLU A 397 29.47 -29.81 -0.64
N CYS A 398 28.46 -29.00 -0.98
CA CYS A 398 27.92 -28.06 -0.01
C CYS A 398 26.78 -28.68 0.82
N GLY A 399 26.60 -30.00 0.68
CA GLY A 399 25.61 -30.71 1.46
C GLY A 399 24.24 -30.79 0.83
N GLY A 400 24.14 -30.33 -0.42
CA GLY A 400 22.86 -30.26 -1.11
C GLY A 400 22.24 -31.61 -1.42
N LEU A 401 23.06 -32.57 -1.82
CA LEU A 401 22.57 -33.90 -2.15
C LEU A 401 21.93 -34.58 -0.95
N ASP A 402 22.48 -34.33 0.24
CA ASP A 402 21.94 -34.89 1.47
C ASP A 402 20.50 -34.47 1.71
N LYS A 403 20.22 -33.20 1.49
CA LYS A 403 18.88 -32.65 1.71
C LYS A 403 17.88 -33.13 0.67
N ILE A 404 18.33 -33.23 -0.58
CA ILE A 404 17.46 -33.64 -1.67
C ILE A 404 16.97 -35.08 -1.48
N GLU A 405 17.85 -35.95 -1.03
CA GLU A 405 17.49 -37.35 -0.79
C GLU A 405 16.78 -37.50 0.56
N ALA A 406 16.85 -36.44 1.37
CA ALA A 406 16.00 -36.34 2.54
C ALA A 406 14.58 -35.96 2.13
N LEU A 407 14.45 -34.98 1.23
CA LEU A 407 13.15 -34.54 0.72
C LEU A 407 12.39 -35.64 0.03
N GLN A 408 13.03 -36.80 -0.09
CA GLN A 408 12.38 -37.97 -0.65
C GLN A 408 11.38 -38.51 0.37
N ARG A 409 11.74 -38.53 1.64
CA ARG A 409 10.82 -38.97 2.67
C ARG A 409 9.79 -37.91 3.06
N HIS A 410 9.62 -36.93 2.18
CA HIS A 410 8.75 -35.79 2.47
C HIS A 410 7.27 -36.13 2.31
N GLU A 411 6.44 -35.43 3.08
CA GLU A 411 5.00 -35.65 3.14
C GLU A 411 4.25 -35.25 1.88
N ASN A 412 4.72 -34.21 1.19
CA ASN A 412 3.97 -33.65 0.08
C ASN A 412 4.30 -34.29 -1.27
N GLU A 413 3.24 -34.54 -2.04
CA GLU A 413 3.30 -35.23 -3.33
C GLU A 413 4.39 -34.74 -4.27
N SER A 414 4.27 -33.47 -4.68
CA SER A 414 5.12 -32.91 -5.72
C SER A 414 6.59 -32.80 -5.30
N VAL A 415 6.83 -32.68 -4.00
CA VAL A 415 8.20 -32.60 -3.47
C VAL A 415 8.94 -33.92 -3.67
N TYR A 416 8.24 -35.04 -3.49
CA TYR A 416 8.84 -36.36 -3.68
C TYR A 416 9.26 -36.58 -5.13
N LYS A 417 8.31 -36.37 -6.04
CA LYS A 417 8.53 -36.59 -7.46
C LYS A 417 9.71 -35.77 -7.98
N ALA A 418 9.74 -34.50 -7.57
CA ALA A 418 10.82 -33.60 -7.95
C ALA A 418 12.16 -34.10 -7.41
N SER A 419 12.17 -34.51 -6.15
CA SER A 419 13.37 -35.01 -5.50
C SER A 419 13.95 -36.25 -6.20
N LEU A 420 13.13 -37.30 -6.31
CA LEU A 420 13.55 -38.52 -7.00
C LEU A 420 14.07 -38.30 -8.43
N ASN A 421 13.34 -37.50 -9.21
CA ASN A 421 13.73 -37.26 -10.61
C ASN A 421 15.09 -36.61 -10.70
N LEU A 422 15.39 -35.71 -9.76
CA LEU A 422 16.72 -35.09 -9.68
C LEU A 422 17.78 -36.14 -9.41
N ILE A 423 17.55 -36.92 -8.36
CA ILE A 423 18.45 -38.01 -8.00
C ILE A 423 18.63 -38.97 -9.16
N GLU A 424 17.51 -39.32 -9.80
CA GLU A 424 17.49 -40.29 -10.87
C GLU A 424 18.32 -39.87 -12.09
N LYS A 425 18.24 -38.59 -12.45
CA LYS A 425 18.82 -38.13 -13.70
C LYS A 425 20.24 -37.57 -13.56
N TYR A 426 20.56 -37.03 -12.38
CA TYR A 426 21.82 -36.32 -12.23
C TYR A 426 22.72 -36.86 -11.10
N PHE A 427 22.15 -37.64 -10.19
CA PHE A 427 22.92 -38.12 -9.04
C PHE A 427 23.01 -39.65 -8.98
N SER A 428 22.44 -40.32 -9.98
CA SER A 428 22.48 -41.78 -10.03
C SER A 428 23.70 -42.28 -10.82
N GLU B 3 5.94 -16.35 -14.02
CA GLU B 3 5.02 -15.27 -14.36
C GLU B 3 4.81 -14.31 -13.18
N LYS B 4 4.03 -13.26 -13.43
CA LYS B 4 3.83 -12.17 -12.48
C LYS B 4 2.93 -12.55 -11.31
N LYS B 5 3.42 -12.31 -10.09
CA LYS B 5 2.60 -12.49 -8.88
C LYS B 5 2.03 -11.14 -8.46
N LYS B 6 0.72 -10.99 -8.61
CA LYS B 6 0.04 -9.78 -8.18
C LYS B 6 0.08 -9.75 -6.65
N ARG B 7 -0.12 -8.57 -6.08
CA ARG B 7 0.01 -8.40 -4.64
C ARG B 7 -0.97 -9.31 -3.89
N THR B 8 -0.48 -9.97 -2.84
CA THR B 8 -1.26 -11.01 -2.19
C THR B 8 -1.85 -10.60 -0.86
N VAL B 9 -2.90 -11.31 -0.48
CA VAL B 9 -3.46 -11.17 0.85
C VAL B 9 -2.77 -12.14 1.81
N ALA B 10 -1.97 -11.61 2.71
CA ALA B 10 -1.51 -12.39 3.84
C ALA B 10 -2.51 -12.14 4.96
N GLU B 11 -2.59 -13.06 5.92
CA GLU B 11 -3.59 -12.99 6.99
C GLU B 11 -3.67 -11.61 7.63
N GLU B 12 -2.52 -11.03 7.92
CA GLU B 12 -2.47 -9.61 8.30
C GLU B 12 -1.43 -8.81 7.50
N ASP B 13 -1.70 -8.58 6.21
CA ASP B 13 -0.80 -7.76 5.40
C ASP B 13 -1.54 -6.88 4.41
N GLN B 14 -2.55 -6.16 4.90
CA GLN B 14 -3.18 -5.11 4.12
C GLN B 14 -2.41 -3.82 4.33
N LEU B 15 -2.41 -3.33 5.57
CA LEU B 15 -1.54 -2.24 5.96
C LEU B 15 -0.32 -2.82 6.69
N HIS B 16 -0.58 -3.87 7.47
CA HIS B 16 0.46 -4.58 8.23
C HIS B 16 1.23 -3.65 9.16
N LEU B 17 0.53 -2.64 9.68
CA LEU B 17 1.05 -1.70 10.68
C LEU B 17 2.18 -0.81 10.17
N ASP B 18 2.55 -0.95 8.90
CA ASP B 18 3.47 -0.03 8.26
C ASP B 18 2.72 0.83 7.26
N GLY B 19 1.39 0.78 7.36
CA GLY B 19 0.53 1.36 6.35
C GLY B 19 -0.03 2.73 6.65
N GLN B 20 -1.00 3.13 5.85
CA GLN B 20 -1.62 4.43 5.97
C GLN B 20 -2.89 4.31 6.81
N GLU B 21 -3.12 5.28 7.69
CA GLU B 21 -4.35 5.31 8.49
C GLU B 21 -5.57 5.50 7.58
N ASN B 22 -6.57 4.62 7.70
CA ASN B 22 -7.80 4.82 6.92
C ASN B 22 -8.79 5.75 7.61
N LYS B 23 -8.67 5.91 8.94
CA LYS B 23 -9.46 6.93 9.67
C LYS B 23 -8.56 7.67 10.66
N ARG B 24 -8.93 8.91 10.96
CA ARG B 24 -8.18 9.77 11.89
C ARG B 24 -9.11 10.53 12.81
N ARG B 25 -8.80 10.53 14.10
CA ARG B 25 -9.57 11.30 15.08
C ARG B 25 -8.83 12.62 15.34
N ARG B 26 -9.55 13.74 15.37
CA ARG B 26 -8.90 15.01 15.68
C ARG B 26 -8.78 15.22 17.20
N HIS B 27 -7.56 15.41 17.67
CA HIS B 27 -7.28 15.57 19.10
C HIS B 27 -7.16 17.03 19.52
N ASP B 28 -7.05 17.20 20.86
CA ASP B 28 -6.46 18.32 21.61
C ASP B 28 -7.43 18.82 22.66
N SER B 29 -8.52 18.09 22.83
CA SER B 29 -9.58 18.49 23.73
C SER B 29 -10.06 17.27 24.53
#